data_8KE1
#
_entry.id   8KE1
#
_cell.length_a   104.959
_cell.length_b   104.959
_cell.length_c   71.114
_cell.angle_alpha   90.000
_cell.angle_beta   90.000
_cell.angle_gamma   120.000
#
_symmetry.space_group_name_H-M   'P 64'
#
loop_
_entity.id
_entity.type
_entity.pdbx_description
1 polymer 'Pyrrolysine--tRNA ligase'
2 non-polymer 'PHOSPHOAMINOPHOSPHONIC ACID-ADENYLATE ESTER'
3 non-polymer 3-bromo-L-phenylalanine
4 non-polymer 'MAGNESIUM ION'
5 water water
#
_entity_poly.entity_id   1
_entity_poly.type   'polypeptide(L)'
_entity_poly.pdbx_seq_one_letter_code
;MHHHHHHASAPALTKSQTDRLEVLLNPKDEISLNSGKPFRELESELLSRRKKDLQQIYAEERENYLGKLEREITRFFVDR
GFLEIKSPILIPLEYIERMGIDNDTELSKQIFRVDKNFCLRPMLAPNLYNYLRKLDRALPDPIKIFEIGPCYRKESDGKE
HLEEFTMLGFQQMGSGCTRENLESIITDFLNHLGIDFKIVGDSCMVYGDTLDVMHGDLELSSAGVGPIPLDREWGIDKPW
IGAGFGLERLLKVKHDFKNIKRAARSESYYNGISTNL
;
_entity_poly.pdbx_strand_id   A
#
loop_
_chem_comp.id
_chem_comp.type
_chem_comp.name
_chem_comp.formula
ANP non-polymer 'PHOSPHOAMINOPHOSPHONIC ACID-ADENYLATE ESTER' 'C10 H17 N6 O12 P3'
MG non-polymer 'MAGNESIUM ION' 'Mg 2'
#
# COMPACT_ATOMS: atom_id res chain seq x y z
N ALA A 12 -14.75 -35.64 -10.53
CA ALA A 12 -13.64 -34.92 -9.91
C ALA A 12 -13.29 -33.62 -10.70
N LEU A 13 -13.13 -32.50 -10.00
CA LEU A 13 -12.83 -31.23 -10.64
C LEU A 13 -11.40 -31.18 -11.12
N THR A 14 -11.20 -30.67 -12.34
CA THR A 14 -9.84 -30.50 -12.83
C THR A 14 -9.17 -29.32 -12.12
N LYS A 15 -7.85 -29.27 -12.20
CA LYS A 15 -7.14 -28.15 -11.59
C LYS A 15 -7.57 -26.83 -12.23
N SER A 16 -7.80 -26.82 -13.55
CA SER A 16 -8.22 -25.60 -14.24
C SER A 16 -9.62 -25.20 -13.83
N GLN A 17 -10.52 -26.17 -13.69
CA GLN A 17 -11.85 -25.89 -13.18
C GLN A 17 -11.78 -25.29 -11.79
N THR A 18 -10.91 -25.84 -10.93
CA THR A 18 -10.76 -25.31 -9.59
C THR A 18 -10.19 -23.90 -9.62
N ASP A 19 -9.22 -23.64 -10.50
CA ASP A 19 -8.75 -22.26 -10.66
C ASP A 19 -9.91 -21.32 -10.95
N ARG A 20 -10.79 -21.70 -11.90
CA ARG A 20 -11.92 -20.88 -12.29
C ARG A 20 -12.84 -20.60 -11.11
N LEU A 21 -13.12 -21.62 -10.30
CA LEU A 21 -14.02 -21.46 -9.18
C LEU A 21 -13.43 -20.58 -8.09
N GLU A 22 -12.10 -20.61 -7.89
CA GLU A 22 -11.49 -19.82 -6.82
C GLU A 22 -11.43 -18.35 -7.20
N VAL A 23 -11.28 -18.04 -8.48
CA VAL A 23 -11.47 -16.67 -8.91
C VAL A 23 -12.87 -16.15 -8.54
N LEU A 24 -13.89 -17.03 -8.57
CA LEU A 24 -15.26 -16.62 -8.29
C LEU A 24 -15.57 -16.65 -6.79
N LEU A 25 -14.75 -17.36 -6.02
CA LEU A 25 -14.99 -17.54 -4.58
C LEU A 25 -14.63 -16.29 -3.76
N ASN A 26 -15.46 -16.00 -2.76
CA ASN A 26 -15.27 -14.93 -1.78
C ASN A 26 -14.73 -15.52 -0.46
N PRO A 27 -13.82 -14.80 0.21
CA PRO A 27 -13.25 -15.36 1.48
C PRO A 27 -14.30 -15.85 2.46
N LYS A 28 -15.40 -15.10 2.62
CA LYS A 28 -16.46 -15.46 3.56
C LYS A 28 -17.43 -16.46 2.93
N ASP A 29 -17.26 -16.79 1.65
CA ASP A 29 -18.05 -17.86 1.06
C ASP A 29 -17.85 -19.15 1.83
N GLU A 30 -18.93 -19.88 2.03
CA GLU A 30 -18.89 -21.14 2.74
C GLU A 30 -19.38 -22.22 1.79
N ILE A 31 -18.59 -22.44 0.74
CA ILE A 31 -18.84 -23.48 -0.25
C ILE A 31 -17.53 -24.23 -0.42
N SER A 32 -17.61 -25.56 -0.50
CA SER A 32 -16.42 -26.38 -0.67
C SER A 32 -16.40 -26.93 -2.08
N LEU A 33 -15.31 -26.64 -2.79
CA LEU A 33 -15.05 -27.19 -4.11
C LEU A 33 -14.64 -28.66 -4.07
N ASN A 34 -14.67 -29.27 -2.90
CA ASN A 34 -14.33 -30.69 -2.73
C ASN A 34 -15.56 -31.56 -2.51
N SER A 35 -16.76 -30.99 -2.60
CA SER A 35 -17.99 -31.77 -2.54
C SER A 35 -18.25 -32.45 -3.89
N GLY A 36 -19.36 -33.19 -3.96
CA GLY A 36 -19.63 -33.97 -5.16
C GLY A 36 -20.50 -33.28 -6.19
N LYS A 37 -20.53 -31.95 -6.18
CA LYS A 37 -21.36 -31.16 -7.08
C LYS A 37 -20.59 -30.82 -8.35
N PRO A 38 -21.19 -30.94 -9.54
CA PRO A 38 -20.43 -30.75 -10.78
C PRO A 38 -19.93 -29.32 -10.94
N PHE A 39 -18.84 -29.18 -11.70
CA PHE A 39 -18.28 -27.86 -12.01
C PHE A 39 -19.35 -26.88 -12.43
N ARG A 40 -20.21 -27.28 -13.38
CA ARG A 40 -21.12 -26.34 -14.02
C ARG A 40 -22.08 -25.73 -13.00
N GLU A 41 -22.56 -26.52 -12.06
CA GLU A 41 -23.44 -25.98 -11.04
C GLU A 41 -22.71 -25.20 -9.95
N LEU A 42 -21.53 -25.66 -9.52
CA LEU A 42 -20.75 -24.84 -8.60
C LEU A 42 -20.43 -23.48 -9.22
N GLU A 43 -20.11 -23.47 -10.53
CA GLU A 43 -19.82 -22.23 -11.22
C GLU A 43 -21.07 -21.37 -11.34
N SER A 44 -22.20 -21.99 -11.66
CA SER A 44 -23.41 -21.19 -11.81
C SER A 44 -23.86 -20.64 -10.47
N GLU A 45 -23.59 -21.38 -9.40
CA GLU A 45 -23.88 -20.92 -8.05
C GLU A 45 -23.08 -19.67 -7.73
N LEU A 46 -21.75 -19.75 -7.90
CA LEU A 46 -20.87 -18.64 -7.55
C LEU A 46 -21.09 -17.44 -8.47
N LEU A 47 -21.30 -17.67 -9.77
CA LEU A 47 -21.64 -16.56 -10.67
C LEU A 47 -22.82 -15.78 -10.12
N SER A 48 -23.83 -16.50 -9.65
CA SER A 48 -25.02 -15.85 -9.13
CA SER A 48 -25.03 -15.86 -9.13
C SER A 48 -24.71 -14.99 -7.92
N ARG A 49 -23.88 -15.51 -7.00
CA ARG A 49 -23.53 -14.74 -5.82
C ARG A 49 -22.77 -13.47 -6.18
N ARG A 50 -21.77 -13.61 -7.06
CA ARG A 50 -20.91 -12.48 -7.40
C ARG A 50 -21.68 -11.39 -8.13
N LYS A 51 -22.63 -11.76 -8.99
CA LYS A 51 -23.46 -10.74 -9.61
C LYS A 51 -24.28 -9.98 -8.57
N LYS A 52 -24.80 -10.69 -7.56
CA LYS A 52 -25.57 -10.01 -6.51
C LYS A 52 -24.66 -9.11 -5.66
N ASP A 53 -23.43 -9.54 -5.39
CA ASP A 53 -22.50 -8.69 -4.65
C ASP A 53 -22.29 -7.36 -5.36
N LEU A 54 -22.08 -7.42 -6.69
CA LEU A 54 -21.87 -6.19 -7.46
C LEU A 54 -23.17 -5.41 -7.56
N GLN A 55 -24.30 -6.10 -7.71
CA GLN A 55 -25.56 -5.37 -7.75
C GLN A 55 -25.77 -4.60 -6.45
N GLN A 56 -25.39 -5.21 -5.32
CA GLN A 56 -25.54 -4.55 -4.03
C GLN A 56 -24.65 -3.32 -3.94
N ILE A 57 -23.35 -3.48 -4.24
CA ILE A 57 -22.45 -2.32 -4.30
C ILE A 57 -23.01 -1.22 -5.20
N TYR A 58 -23.49 -1.60 -6.39
CA TYR A 58 -24.01 -0.61 -7.33
C TYR A 58 -25.23 0.13 -6.77
N ALA A 59 -26.09 -0.59 -6.04
CA ALA A 59 -27.32 0.01 -5.54
C ALA A 59 -27.09 0.88 -4.31
N GLU A 60 -26.15 0.50 -3.45
CA GLU A 60 -26.06 1.08 -2.11
C GLU A 60 -24.89 2.05 -1.95
N GLU A 61 -23.65 1.61 -2.13
CA GLU A 61 -22.53 2.48 -1.78
C GLU A 61 -21.71 2.99 -2.95
N ARG A 62 -21.27 2.12 -3.85
CA ARG A 62 -20.63 2.51 -5.10
C ARG A 62 -19.21 3.04 -4.96
N GLU A 63 -18.57 2.91 -3.80
CA GLU A 63 -17.21 3.41 -3.62
C GLU A 63 -16.18 2.31 -3.82
N ASN A 64 -15.09 2.68 -4.47
CA ASN A 64 -14.00 1.75 -4.72
C ASN A 64 -13.17 1.52 -3.47
N TYR A 65 -12.77 0.26 -3.21
CA TYR A 65 -12.01 -0.05 -2.00
C TYR A 65 -10.76 0.82 -1.89
N LEU A 66 -9.98 0.92 -2.96
CA LEU A 66 -8.74 1.66 -2.93
C LEU A 66 -9.00 3.16 -2.78
N GLY A 67 -10.01 3.70 -3.47
CA GLY A 67 -10.31 5.12 -3.28
C GLY A 67 -10.78 5.43 -1.87
N LYS A 68 -11.69 4.60 -1.36
CA LYS A 68 -12.25 4.84 -0.04
C LYS A 68 -11.18 4.70 1.05
N LEU A 69 -10.25 3.77 0.89
CA LEU A 69 -9.19 3.63 1.88
C LEU A 69 -8.26 4.83 1.87
N GLU A 70 -7.89 5.30 0.68
CA GLU A 70 -7.13 6.54 0.57
C GLU A 70 -7.86 7.71 1.24
N ARG A 71 -9.19 7.77 1.11
CA ARG A 71 -9.89 8.88 1.76
C ARG A 71 -9.93 8.71 3.28
N GLU A 72 -10.07 7.47 3.76
CA GLU A 72 -10.05 7.26 5.20
C GLU A 72 -8.66 7.55 5.77
N ILE A 73 -7.61 7.09 5.09
CA ILE A 73 -6.26 7.39 5.57
C ILE A 73 -6.03 8.90 5.57
N THR A 74 -6.55 9.60 4.56
CA THR A 74 -6.37 11.03 4.44
C THR A 74 -6.99 11.78 5.63
N ARG A 75 -8.25 11.48 5.94
CA ARG A 75 -8.88 12.16 7.07
C ARG A 75 -8.15 11.85 8.35
N PHE A 76 -7.68 10.62 8.51
CA PHE A 76 -6.93 10.28 9.72
C PHE A 76 -5.72 11.19 9.89
N PHE A 77 -4.89 11.33 8.84
CA PHE A 77 -3.64 12.08 8.98
C PHE A 77 -3.88 13.58 8.97
N VAL A 78 -4.83 14.07 8.18
CA VAL A 78 -5.19 15.49 8.24
C VAL A 78 -5.61 15.87 9.66
N ASP A 79 -6.49 15.05 10.28
CA ASP A 79 -7.02 15.36 11.59
C ASP A 79 -5.94 15.33 12.65
N ARG A 80 -4.86 14.60 12.40
CA ARG A 80 -3.74 14.53 13.33
C ARG A 80 -2.66 15.58 13.03
N GLY A 81 -2.90 16.51 12.11
CA GLY A 81 -1.97 17.61 11.86
C GLY A 81 -0.99 17.42 10.71
N PHE A 82 -1.15 16.39 9.88
CA PHE A 82 -0.23 16.19 8.76
C PHE A 82 -0.78 16.85 7.50
N LEU A 83 0.09 17.56 6.79
CA LEU A 83 -0.27 18.27 5.57
C LEU A 83 -0.37 17.28 4.40
N GLU A 84 -1.51 17.27 3.71
CA GLU A 84 -1.70 16.35 2.58
C GLU A 84 -0.92 16.84 1.36
N ILE A 85 0.03 16.01 0.90
CA ILE A 85 0.90 16.29 -0.24
C ILE A 85 0.44 15.42 -1.42
N LYS A 86 0.50 15.97 -2.63
CA LYS A 86 0.38 15.20 -3.88
C LYS A 86 1.50 15.67 -4.77
N SER A 87 2.53 14.86 -4.94
CA SER A 87 3.72 15.22 -5.67
C SER A 87 3.83 14.36 -6.93
N PRO A 88 4.77 14.66 -7.84
CA PRO A 88 4.81 13.93 -9.11
C PRO A 88 5.05 12.44 -8.94
N ILE A 89 4.36 11.65 -9.74
CA ILE A 89 4.62 10.21 -9.81
C ILE A 89 5.81 9.93 -10.72
N LEU A 90 5.88 10.65 -11.85
CA LEU A 90 7.00 10.57 -12.76
C LEU A 90 8.11 11.49 -12.26
N ILE A 91 9.24 10.91 -11.86
CA ILE A 91 10.26 11.65 -11.14
C ILE A 91 11.60 11.53 -11.87
N PRO A 92 12.54 12.44 -11.58
CA PRO A 92 13.87 12.36 -12.18
C PRO A 92 14.60 11.12 -11.71
N LEU A 93 15.23 10.43 -12.67
CA LEU A 93 16.01 9.23 -12.34
C LEU A 93 17.11 9.53 -11.33
N GLU A 94 17.61 10.78 -11.31
CA GLU A 94 18.66 11.14 -10.37
C GLU A 94 18.19 10.99 -8.92
N TYR A 95 16.89 11.19 -8.65
CA TYR A 95 16.37 10.99 -7.30
C TYR A 95 16.65 9.58 -6.79
N ILE A 96 16.73 8.59 -7.68
CA ILE A 96 16.98 7.23 -7.26
C ILE A 96 18.42 7.07 -6.79
N GLU A 97 19.38 7.57 -7.56
CA GLU A 97 20.77 7.54 -7.12
C GLU A 97 20.95 8.33 -5.82
N ARG A 98 20.37 9.53 -5.74
CA ARG A 98 20.54 10.30 -4.52
C ARG A 98 19.89 9.64 -3.30
N MET A 99 19.03 8.63 -3.48
CA MET A 99 18.52 7.88 -2.34
C MET A 99 19.48 6.80 -1.88
N GLY A 100 20.67 6.74 -2.45
CA GLY A 100 21.58 5.66 -2.14
C GLY A 100 21.32 4.37 -2.87
N ILE A 101 20.43 4.38 -3.87
CA ILE A 101 20.12 3.15 -4.58
C ILE A 101 21.18 2.96 -5.65
N ASP A 102 22.25 2.30 -5.25
CA ASP A 102 23.33 1.81 -6.09
C ASP A 102 22.82 0.58 -6.87
N ASN A 103 23.72 -0.08 -7.61
CA ASN A 103 23.37 -1.37 -8.20
C ASN A 103 23.55 -2.54 -7.23
N ASP A 104 24.20 -2.36 -6.08
CA ASP A 104 24.27 -3.45 -5.11
C ASP A 104 22.92 -3.68 -4.42
N THR A 105 22.09 -2.64 -4.29
CA THR A 105 20.76 -2.82 -3.73
C THR A 105 19.87 -3.58 -4.71
N GLU A 106 18.86 -4.24 -4.13
CA GLU A 106 17.85 -4.89 -4.96
C GLU A 106 17.09 -3.87 -5.79
N LEU A 107 16.76 -2.71 -5.20
CA LEU A 107 15.79 -1.81 -5.82
C LEU A 107 16.27 -1.19 -7.13
N SER A 108 17.57 -1.21 -7.42
CA SER A 108 18.04 -0.65 -8.69
C SER A 108 17.50 -1.42 -9.88
N LYS A 109 17.35 -2.74 -9.72
CA LYS A 109 16.85 -3.58 -10.80
C LYS A 109 15.36 -3.40 -11.00
N GLN A 110 14.68 -2.77 -10.05
CA GLN A 110 13.23 -2.76 -10.00
C GLN A 110 12.63 -1.51 -10.62
N ILE A 111 13.44 -0.57 -11.08
CA ILE A 111 12.96 0.73 -11.55
C ILE A 111 12.35 0.60 -12.94
N PHE A 112 11.14 1.14 -13.11
CA PHE A 112 10.57 1.33 -14.42
C PHE A 112 11.12 2.64 -14.97
N ARG A 113 12.05 2.56 -15.92
CA ARG A 113 12.62 3.74 -16.55
C ARG A 113 11.63 4.30 -17.57
N VAL A 114 11.63 5.62 -17.78
CA VAL A 114 10.66 6.16 -18.73
C VAL A 114 11.30 6.86 -19.92
N ASP A 115 12.10 7.89 -19.70
CA ASP A 115 12.82 8.37 -20.86
C ASP A 115 14.30 8.12 -20.62
N LYS A 116 15.14 9.04 -21.08
CA LYS A 116 16.55 8.98 -20.71
C LYS A 116 16.75 9.31 -19.24
N ASN A 117 15.87 10.14 -18.67
CA ASN A 117 16.14 10.78 -17.39
C ASN A 117 15.02 10.63 -16.39
N PHE A 118 14.00 9.83 -16.67
CA PHE A 118 12.89 9.76 -15.77
C PHE A 118 12.59 8.32 -15.41
N CYS A 119 11.75 8.16 -14.41
CA CYS A 119 11.29 6.85 -14.00
C CYS A 119 9.95 7.01 -13.30
N LEU A 120 9.25 5.89 -13.17
CA LEU A 120 8.12 5.84 -12.26
C LEU A 120 8.64 5.65 -10.85
N ARG A 121 8.12 6.46 -9.94
CA ARG A 121 8.69 6.48 -8.60
C ARG A 121 8.42 5.14 -7.94
N PRO A 122 9.44 4.51 -7.36
CA PRO A 122 9.23 3.29 -6.59
C PRO A 122 8.97 3.53 -5.10
N MET A 123 9.00 4.78 -4.67
CA MET A 123 9.00 5.14 -3.26
C MET A 123 8.63 6.61 -3.16
N LEU A 124 8.18 7.02 -1.96
CA LEU A 124 7.80 8.40 -1.73
C LEU A 124 8.90 9.24 -1.07
N ALA A 125 9.97 8.60 -0.59
CA ALA A 125 10.98 9.31 0.19
C ALA A 125 11.61 10.51 -0.52
N PRO A 126 11.94 10.48 -1.81
CA PRO A 126 12.56 11.68 -2.41
C PRO A 126 11.67 12.91 -2.38
N ASN A 127 10.38 12.74 -2.70
CA ASN A 127 9.46 13.87 -2.76
C ASN A 127 9.15 14.39 -1.35
N LEU A 128 8.89 13.47 -0.41
CA LEU A 128 8.73 13.87 0.98
C LEU A 128 9.95 14.65 1.49
N TYR A 129 11.15 14.11 1.28
CA TYR A 129 12.37 14.85 1.61
C TYR A 129 12.33 16.26 1.04
N ASN A 130 12.00 16.41 -0.24
CA ASN A 130 12.03 17.74 -0.86
C ASN A 130 10.99 18.65 -0.22
N TYR A 131 9.83 18.10 0.14
CA TYR A 131 8.80 18.91 0.78
C TYR A 131 9.24 19.32 2.19
N LEU A 132 9.89 18.40 2.92
CA LEU A 132 10.37 18.75 4.25
C LEU A 132 11.34 19.94 4.19
N ARG A 133 12.31 19.87 3.27
CA ARG A 133 13.30 20.94 3.17
C ARG A 133 12.64 22.28 2.85
N LYS A 134 11.71 22.28 1.89
CA LYS A 134 11.14 23.55 1.47
C LYS A 134 10.18 24.11 2.51
N LEU A 135 9.37 23.25 3.12
CA LEU A 135 8.36 23.70 4.06
C LEU A 135 8.98 24.18 5.37
N ASP A 136 10.21 23.74 5.67
CA ASP A 136 10.87 24.17 6.89
C ASP A 136 11.17 25.66 6.86
N ARG A 137 11.20 26.28 5.69
CA ARG A 137 11.37 27.71 5.65
C ARG A 137 10.07 28.47 5.91
N ALA A 138 8.93 27.78 6.02
CA ALA A 138 7.63 28.45 6.16
C ALA A 138 6.77 27.96 7.32
N LEU A 139 6.96 26.76 7.80
CA LEU A 139 6.00 26.22 8.73
C LEU A 139 6.62 26.10 10.13
N PRO A 140 5.80 26.21 11.18
CA PRO A 140 6.32 26.04 12.54
C PRO A 140 6.69 24.60 12.83
N ASP A 141 7.69 24.46 13.70
CA ASP A 141 8.15 23.16 14.13
C ASP A 141 7.11 22.54 15.05
N PRO A 142 6.76 21.24 14.88
CA PRO A 142 7.28 20.30 13.89
C PRO A 142 6.52 20.32 12.55
N ILE A 143 7.20 19.82 11.51
CA ILE A 143 6.64 19.72 10.17
C ILE A 143 6.16 18.30 9.95
N LYS A 144 4.88 18.18 9.61
CA LYS A 144 4.20 16.89 9.51
C LYS A 144 3.51 16.83 8.16
N ILE A 145 3.94 15.90 7.31
CA ILE A 145 3.38 15.75 5.97
C ILE A 145 3.06 14.28 5.71
N PHE A 146 2.27 14.04 4.67
CA PHE A 146 1.98 12.68 4.23
C PHE A 146 1.50 12.74 2.79
N GLU A 147 1.59 11.59 2.13
CA GLU A 147 1.21 11.45 0.73
C GLU A 147 0.66 10.05 0.51
N ILE A 148 -0.34 9.94 -0.36
CA ILE A 148 -0.86 8.69 -0.84
C ILE A 148 -0.89 8.75 -2.35
N GLY A 149 -0.33 7.74 -3.01
CA GLY A 149 -0.39 7.67 -4.44
C GLY A 149 0.38 6.51 -5.02
N PRO A 150 0.29 6.38 -6.35
CA PRO A 150 0.89 5.23 -7.03
C PRO A 150 2.42 5.17 -6.88
N CYS A 151 2.94 3.95 -6.85
CA CYS A 151 4.36 3.65 -6.91
C CYS A 151 4.53 2.39 -7.74
N TYR A 152 5.70 2.24 -8.36
CA TYR A 152 5.92 1.19 -9.34
C TYR A 152 7.25 0.49 -9.10
N ARG A 153 7.20 -0.85 -9.04
CA ARG A 153 8.41 -1.65 -8.90
C ARG A 153 8.26 -2.93 -9.73
N LYS A 154 9.29 -3.30 -10.48
CA LYS A 154 9.31 -4.61 -11.09
C LYS A 154 9.51 -5.68 -10.02
N GLU A 155 8.66 -6.71 -10.04
CA GLU A 155 8.69 -7.74 -9.01
C GLU A 155 8.55 -9.12 -9.66
N SER A 156 9.12 -10.13 -9.00
CA SER A 156 8.77 -11.52 -9.29
C SER A 156 7.35 -11.80 -8.84
N ASP A 157 6.67 -12.69 -9.58
CA ASP A 157 5.28 -13.02 -9.26
C ASP A 157 5.14 -13.34 -7.79
N GLY A 158 4.28 -12.61 -7.11
CA GLY A 158 4.07 -12.82 -5.70
C GLY A 158 2.60 -12.65 -5.37
N LYS A 159 2.15 -13.45 -4.39
CA LYS A 159 0.87 -13.18 -3.78
C LYS A 159 0.89 -11.95 -2.89
N GLU A 160 2.06 -11.36 -2.63
CA GLU A 160 2.15 -10.15 -1.83
C GLU A 160 2.71 -8.95 -2.59
N HIS A 161 3.00 -9.07 -3.88
CA HIS A 161 3.63 -7.98 -4.61
C HIS A 161 2.84 -7.66 -5.86
N LEU A 162 2.64 -6.35 -6.10
CA LEU A 162 2.13 -5.81 -7.33
C LEU A 162 3.22 -4.97 -7.97
N GLU A 163 3.18 -4.84 -9.28
CA GLU A 163 4.14 -3.93 -9.90
C GLU A 163 3.64 -2.50 -9.86
N GLU A 164 2.34 -2.33 -9.73
CA GLU A 164 1.66 -1.04 -9.63
C GLU A 164 0.92 -1.06 -8.31
N PHE A 165 1.39 -0.32 -7.31
CA PHE A 165 0.69 -0.32 -6.03
C PHE A 165 0.50 1.12 -5.53
N THR A 166 -0.06 1.25 -4.33
CA THR A 166 -0.31 2.55 -3.73
C THR A 166 0.34 2.62 -2.36
N MET A 167 1.10 3.68 -2.15
CA MET A 167 1.91 3.86 -0.96
C MET A 167 1.31 5.00 -0.16
N LEU A 168 1.13 4.77 1.14
CA LEU A 168 1.03 5.84 2.11
C LEU A 168 2.43 6.06 2.66
N GLY A 169 2.88 7.30 2.66
CA GLY A 169 4.10 7.68 3.35
C GLY A 169 3.87 8.92 4.19
N PHE A 170 4.32 8.90 5.44
CA PHE A 170 4.23 10.08 6.27
C PHE A 170 5.55 10.35 6.97
N GLN A 171 5.77 11.62 7.30
CA GLN A 171 7.04 12.03 7.87
C GLN A 171 6.83 13.26 8.73
N GLN A 172 7.44 13.24 9.91
CA GLN A 172 7.50 14.38 10.81
C GLN A 172 8.94 14.81 11.01
N MET A 173 9.19 16.13 10.97
CA MET A 173 10.56 16.64 11.15
C MET A 173 10.60 17.68 12.26
N GLY A 174 11.62 17.59 13.11
CA GLY A 174 11.82 18.54 14.19
C GLY A 174 11.60 17.97 15.58
N SER A 175 10.80 18.65 16.39
CA SER A 175 10.59 18.20 17.75
C SER A 175 9.61 17.04 17.78
N GLY A 176 9.69 16.25 18.84
CA GLY A 176 8.81 15.11 18.97
C GLY A 176 9.14 13.92 18.09
N CYS A 177 10.32 13.89 17.48
CA CYS A 177 10.67 12.80 16.56
C CYS A 177 11.38 11.68 17.31
N THR A 178 10.61 11.00 18.13
CA THR A 178 11.12 9.87 18.89
C THR A 178 10.51 8.57 18.37
N ARG A 179 11.15 7.46 18.73
CA ARG A 179 10.59 6.17 18.33
C ARG A 179 9.27 5.91 19.04
N GLU A 180 9.16 6.26 20.32
CA GLU A 180 7.88 6.12 21.01
C GLU A 180 6.76 6.82 20.25
N ASN A 181 6.98 8.08 19.86
CA ASN A 181 5.94 8.79 19.12
C ASN A 181 5.64 8.11 17.80
N LEU A 182 6.67 7.61 17.13
CA LEU A 182 6.46 6.95 15.86
C LEU A 182 5.61 5.69 16.03
N GLU A 183 5.85 4.95 17.11
CA GLU A 183 5.05 3.75 17.35
C GLU A 183 3.62 4.10 17.74
N SER A 184 3.44 5.20 18.47
CA SER A 184 2.09 5.61 18.83
C SER A 184 1.28 5.95 17.59
N ILE A 185 1.91 6.62 16.61
CA ILE A 185 1.22 6.94 15.36
C ILE A 185 0.84 5.66 14.62
N ILE A 186 1.79 4.73 14.51
CA ILE A 186 1.51 3.47 13.83
C ILE A 186 0.40 2.72 14.56
N THR A 187 0.50 2.63 15.88
CA THR A 187 -0.48 1.88 16.65
C THR A 187 -1.87 2.49 16.50
N ASP A 188 -2.00 3.80 16.69
CA ASP A 188 -3.32 4.43 16.56
C ASP A 188 -3.88 4.21 15.17
N PHE A 189 -3.00 4.29 14.16
CA PHE A 189 -3.42 4.22 12.77
C PHE A 189 -4.01 2.85 12.45
N LEU A 190 -3.30 1.78 12.81
CA LEU A 190 -3.80 0.45 12.49
C LEU A 190 -4.95 0.01 13.40
N ASN A 191 -5.01 0.52 14.62
CA ASN A 191 -6.18 0.25 15.46
C ASN A 191 -7.41 0.97 14.92
N HIS A 192 -7.21 2.14 14.31
CA HIS A 192 -8.31 2.87 13.68
C HIS A 192 -8.86 2.09 12.49
N LEU A 193 -7.98 1.46 11.72
CA LEU A 193 -8.34 0.69 10.53
C LEU A 193 -8.80 -0.73 10.85
N GLY A 194 -8.53 -1.24 12.05
CA GLY A 194 -8.90 -2.59 12.38
C GLY A 194 -8.00 -3.63 11.74
N ILE A 195 -6.70 -3.43 11.84
CA ILE A 195 -5.70 -4.29 11.21
C ILE A 195 -4.72 -4.75 12.28
N ASP A 196 -4.65 -6.06 12.49
CA ASP A 196 -3.78 -6.61 13.51
C ASP A 196 -2.33 -6.51 13.03
N PHE A 197 -1.40 -6.34 13.98
CA PHE A 197 -0.01 -6.09 13.59
C PHE A 197 0.90 -6.34 14.78
N LYS A 198 2.19 -6.49 14.47
CA LYS A 198 3.24 -6.44 15.48
C LYS A 198 4.36 -5.57 14.96
N ILE A 199 4.99 -4.83 15.87
CA ILE A 199 6.12 -3.96 15.54
C ILE A 199 7.39 -4.67 15.98
N VAL A 200 8.31 -4.89 15.04
CA VAL A 200 9.57 -5.59 15.30
C VAL A 200 10.73 -4.69 14.87
N GLY A 201 11.75 -4.60 15.72
CA GLY A 201 12.96 -3.84 15.43
C GLY A 201 14.22 -4.50 15.97
N GLY A 208 20.15 5.83 12.80
CA GLY A 208 19.06 5.62 13.74
C GLY A 208 18.23 4.35 13.54
N ASP A 209 17.11 4.27 14.26
CA ASP A 209 16.27 3.08 14.27
C ASP A 209 15.58 2.84 12.92
N THR A 210 15.38 1.55 12.64
CA THR A 210 14.56 1.06 11.53
C THR A 210 13.66 -0.02 12.11
N LEU A 211 12.35 0.08 11.85
CA LEU A 211 11.43 -0.89 12.40
C LEU A 211 10.48 -1.35 11.30
N ASP A 212 9.90 -2.52 11.49
CA ASP A 212 8.97 -3.09 10.53
C ASP A 212 7.65 -3.35 11.23
N VAL A 213 6.56 -3.12 10.51
CA VAL A 213 5.22 -3.42 11.01
C VAL A 213 4.79 -4.65 10.24
N MET A 214 4.60 -5.76 10.96
CA MET A 214 4.37 -7.07 10.38
C MET A 214 2.95 -7.53 10.67
N HIS A 215 2.29 -8.16 9.68
CA HIS A 215 1.09 -8.97 9.89
C HIS A 215 1.47 -10.42 9.56
N GLY A 216 1.70 -11.21 10.61
CA GLY A 216 2.27 -12.52 10.38
C GLY A 216 3.60 -12.35 9.70
N ASP A 217 3.74 -12.93 8.51
CA ASP A 217 4.97 -12.80 7.73
C ASP A 217 4.88 -11.74 6.64
N LEU A 218 3.77 -11.01 6.59
CA LEU A 218 3.57 -9.96 5.61
C LEU A 218 4.04 -8.62 6.16
N GLU A 219 4.91 -7.94 5.42
CA GLU A 219 5.35 -6.61 5.82
C GLU A 219 4.28 -5.59 5.44
N LEU A 220 3.65 -4.97 6.46
CA LEU A 220 2.74 -3.85 6.24
C LEU A 220 3.51 -2.56 5.96
N SER A 221 4.63 -2.37 6.66
CA SER A 221 5.28 -1.08 6.68
C SER A 221 6.74 -1.25 7.08
N SER A 222 7.61 -0.41 6.50
CA SER A 222 8.90 -0.10 7.10
C SER A 222 8.88 1.34 7.58
N ALA A 223 9.39 1.58 8.78
CA ALA A 223 9.44 2.89 9.39
C ALA A 223 10.88 3.21 9.75
N GLY A 224 11.13 4.47 10.12
CA GLY A 224 12.49 4.89 10.41
C GLY A 224 12.54 6.12 11.29
N VAL A 225 13.66 6.26 12.00
CA VAL A 225 13.95 7.39 12.87
C VAL A 225 15.25 8.05 12.39
N GLY A 226 15.16 9.31 11.98
CA GLY A 226 16.33 10.09 11.62
C GLY A 226 16.81 10.87 12.82
N PRO A 227 17.97 11.54 12.70
CA PRO A 227 18.81 11.74 11.51
C PRO A 227 19.56 10.50 11.07
N ILE A 228 19.81 10.43 9.77
CA ILE A 228 20.67 9.42 9.14
C ILE A 228 21.57 10.16 8.14
N PRO A 229 22.71 9.58 7.79
CA PRO A 229 23.65 10.31 6.93
C PRO A 229 23.07 10.68 5.55
N LEU A 230 22.14 9.89 5.00
CA LEU A 230 21.51 10.24 3.73
C LEU A 230 20.86 11.62 3.75
N ASP A 231 20.35 12.07 4.92
CA ASP A 231 19.63 13.34 5.02
C ASP A 231 20.40 14.51 4.44
N ARG A 232 21.72 14.48 4.58
CA ARG A 232 22.56 15.58 4.13
C ARG A 232 22.38 15.86 2.65
N GLU A 233 22.25 14.80 1.84
CA GLU A 233 22.11 14.95 0.39
C GLU A 233 20.83 15.66 -0.01
N TRP A 234 19.85 15.69 0.88
CA TRP A 234 18.53 16.23 0.60
C TRP A 234 18.32 17.57 1.28
N GLY A 235 19.33 18.07 1.98
CA GLY A 235 19.22 19.35 2.63
C GLY A 235 18.50 19.28 3.95
N ILE A 236 18.42 18.10 4.55
CA ILE A 236 17.77 17.85 5.83
C ILE A 236 18.85 17.73 6.90
N ASP A 237 18.76 18.54 7.95
CA ASP A 237 19.68 18.41 9.08
C ASP A 237 18.94 18.37 10.42
N LYS A 238 17.70 17.90 10.44
CA LYS A 238 16.90 17.84 11.65
C LYS A 238 16.45 16.41 11.92
N PRO A 239 16.11 16.07 13.15
CA PRO A 239 15.59 14.72 13.42
C PRO A 239 14.23 14.54 12.73
N TRP A 240 13.87 13.27 12.51
CA TRP A 240 12.59 13.00 11.87
C TRP A 240 12.15 11.58 12.21
N ILE A 241 10.86 11.32 11.96
CA ILE A 241 10.29 9.98 12.04
C ILE A 241 9.34 9.79 10.85
N GLY A 242 9.15 8.55 10.42
CA GLY A 242 8.23 8.32 9.33
C GLY A 242 8.04 6.85 9.05
N ALA A 243 7.15 6.56 8.11
CA ALA A 243 6.83 5.19 7.77
C ALA A 243 6.16 5.15 6.40
N GLY A 244 6.27 4.00 5.74
CA GLY A 244 5.54 3.77 4.50
C GLY A 244 4.72 2.49 4.59
N PHE A 245 3.48 2.56 4.13
CA PHE A 245 2.52 1.45 4.14
C PHE A 245 1.98 1.23 2.73
N GLY A 246 1.91 -0.03 2.30
CA GLY A 246 1.19 -0.35 1.07
C GLY A 246 -0.31 -0.53 1.27
N LEU A 247 -1.11 0.29 0.59
CA LEU A 247 -2.56 0.26 0.76
C LEU A 247 -3.15 -1.08 0.31
N GLU A 248 -2.65 -1.67 -0.77
CA GLU A 248 -3.20 -2.96 -1.21
C GLU A 248 -2.91 -4.06 -0.17
N ARG A 249 -1.73 -4.05 0.44
CA ARG A 249 -1.47 -5.01 1.52
C ARG A 249 -2.46 -4.82 2.67
N LEU A 250 -2.77 -3.56 3.01
CA LEU A 250 -3.76 -3.32 4.04
C LEU A 250 -5.11 -3.92 3.65
N LEU A 251 -5.55 -3.68 2.41
CA LEU A 251 -6.82 -4.26 1.93
C LEU A 251 -6.79 -5.79 1.95
N LYS A 252 -5.70 -6.39 1.48
CA LYS A 252 -5.52 -7.84 1.53
C LYS A 252 -5.76 -8.39 2.92
N VAL A 253 -5.14 -7.80 3.94
CA VAL A 253 -5.33 -8.25 5.31
C VAL A 253 -6.76 -7.98 5.78
N LYS A 254 -7.28 -6.77 5.51
CA LYS A 254 -8.60 -6.40 6.02
C LYS A 254 -9.67 -7.32 5.46
N HIS A 255 -9.58 -7.64 4.17
CA HIS A 255 -10.62 -8.42 3.51
C HIS A 255 -10.22 -9.88 3.36
N ASP A 256 -9.07 -10.27 3.91
CA ASP A 256 -8.62 -11.66 3.95
C ASP A 256 -8.43 -12.23 2.55
N PHE A 257 -8.09 -11.39 1.57
CA PHE A 257 -7.80 -11.89 0.23
C PHE A 257 -6.58 -12.80 0.26
N LYS A 258 -6.64 -13.89 -0.49
CA LYS A 258 -5.47 -14.78 -0.55
C LYS A 258 -4.38 -14.22 -1.46
N ASN A 259 -4.75 -13.47 -2.48
CA ASN A 259 -3.78 -12.91 -3.40
C ASN A 259 -4.00 -11.41 -3.53
N ILE A 260 -2.90 -10.65 -3.45
CA ILE A 260 -2.99 -9.20 -3.44
C ILE A 260 -3.60 -8.63 -4.73
N LYS A 261 -3.63 -9.41 -5.82
CA LYS A 261 -4.27 -8.94 -7.06
C LYS A 261 -5.74 -8.57 -6.88
N ARG A 262 -6.44 -9.18 -5.91
CA ARG A 262 -7.83 -8.84 -5.60
C ARG A 262 -8.02 -7.40 -5.13
N ALA A 263 -6.95 -6.73 -4.72
CA ALA A 263 -7.02 -5.40 -4.14
C ALA A 263 -6.41 -4.34 -5.03
N ALA A 264 -5.84 -4.74 -6.15
CA ALA A 264 -5.07 -3.85 -7.02
C ALA A 264 -6.01 -2.99 -7.84
N ARG A 265 -5.47 -1.84 -8.31
CA ARG A 265 -5.99 -1.28 -9.55
C ARG A 265 -6.03 -2.42 -10.55
N SER A 266 -7.16 -2.60 -11.21
CA SER A 266 -7.29 -3.81 -11.99
C SER A 266 -8.55 -3.72 -12.83
N GLU A 267 -8.55 -4.43 -13.95
CA GLU A 267 -9.80 -4.68 -14.65
C GLU A 267 -10.34 -6.08 -14.38
N SER A 268 -9.67 -6.87 -13.54
CA SER A 268 -10.10 -8.23 -13.21
C SER A 268 -10.94 -8.31 -11.94
N TYR A 269 -10.82 -7.33 -11.05
CA TYR A 269 -11.49 -7.37 -9.76
C TYR A 269 -12.03 -5.99 -9.45
N TYR A 270 -13.24 -5.98 -8.90
CA TYR A 270 -13.85 -4.77 -8.35
C TYR A 270 -14.17 -5.05 -6.90
N ASN A 271 -13.53 -4.30 -6.00
CA ASN A 271 -13.63 -4.55 -4.56
C ASN A 271 -13.49 -6.03 -4.23
N GLY A 272 -12.50 -6.67 -4.85
CA GLY A 272 -12.26 -8.07 -4.62
C GLY A 272 -13.23 -9.03 -5.26
N ILE A 273 -14.26 -8.55 -5.94
CA ILE A 273 -15.18 -9.40 -6.69
C ILE A 273 -14.70 -9.50 -8.12
N SER A 274 -14.64 -10.73 -8.64
CA SER A 274 -14.22 -10.93 -10.03
C SER A 274 -15.16 -10.19 -10.98
N THR A 275 -14.58 -9.58 -12.01
CA THR A 275 -15.35 -8.95 -13.06
C THR A 275 -15.47 -9.83 -14.31
N ASN A 276 -15.10 -11.11 -14.23
CA ASN A 276 -15.27 -12.01 -15.38
C ASN A 276 -16.39 -12.99 -15.02
N LEU A 277 -17.61 -12.54 -15.24
CA LEU A 277 -18.80 -13.28 -14.87
C LEU A 277 -19.52 -13.81 -16.11
PG ANP B . 9.07 -6.34 0.69
O1G ANP B . 7.76 -7.07 0.86
O2G ANP B . 9.42 -6.21 -0.84
O3G ANP B . 10.22 -7.10 1.46
PB ANP B . 10.01 -3.59 0.85
O1B ANP B . 11.16 -3.49 1.79
O2B ANP B . 10.47 -3.73 -0.62
N3B ANP B . 8.97 -4.80 1.39
PA ANP B . 9.44 -0.89 1.29
O1A ANP B . 10.50 -0.35 0.43
O2A ANP B . 9.69 -0.83 2.81
O3A ANP B . 9.06 -2.35 0.89
O5' ANP B . 8.09 -0.10 0.97
C5' ANP B . 7.20 0.26 2.03
C4' ANP B . 5.95 -0.58 1.96
O4' ANP B . 5.38 -0.49 0.65
C3' ANP B . 6.09 -2.08 2.19
O3' ANP B . 6.19 -2.44 3.57
C2' ANP B . 4.79 -2.60 1.59
O2' ANP B . 3.67 -2.33 2.44
C1' ANP B . 4.66 -1.68 0.37
N9 ANP B . 5.17 -2.26 -0.87
C8 ANP B . 6.45 -2.24 -1.34
N7 ANP B . 6.61 -2.85 -2.50
C5 ANP B . 5.32 -3.28 -2.80
C6 ANP B . 4.81 -4.00 -3.90
N6 ANP B . 5.55 -4.43 -4.93
N1 ANP B . 3.50 -4.29 -3.89
C2 ANP B . 2.75 -3.90 -2.86
N3 ANP B . 3.12 -3.22 -1.77
C4 ANP B . 4.44 -2.94 -1.81
BR 6CV C . 10.70 5.95 6.73
N 6CV C . 10.74 3.62 1.63
CA 6CV C . 9.36 3.78 1.21
CB 6CV C . 8.44 3.83 2.42
CG 6CV C . 8.61 5.12 3.23
CD1 6CV C . 8.03 6.35 2.89
CE1 6CV C . 8.23 7.48 3.67
CZ 6CV C . 9.01 7.40 4.81
CE2 6CV C . 9.59 6.16 5.14
CD2 6CV C . 9.39 5.04 4.36
C 6CV C . 9.20 5.10 0.45
O 6CV C . 8.08 5.44 -0.05
OXT 6CV C . 10.17 5.89 0.36
MG MG D . 10.78 -2.70 3.90
MG MG E . 10.77 -5.21 -2.12
#